data_6J84
#
_entry.id   6J84
#
_cell.length_a   39.808
_cell.length_b   84.241
_cell.length_c   112.901
_cell.angle_alpha   90.00
_cell.angle_beta   90.00
_cell.angle_gamma   90.00
#
_symmetry.space_group_name_H-M   'P 21 21 21'
#
loop_
_entity.id
_entity.type
_entity.pdbx_description
1 polymer 'Cytochrome P-450'
2 non-polymer 'PROTOPORPHYRIN IX CONTAINING FE'
3 non-polymer (2S)-2-hydroxy-N-[(2S)-1-hydroxy-3-(1H-indol-3-yl)propan-2-yl]-3-methylbutanamide
4 water water
#
_entity_poly.entity_id   1
_entity_poly.type   'polypeptide(L)'
_entity_poly.pdbx_seq_one_letter_code
;MGSSHHHHHHSSGLVPRGSHMKDERAPLSYPFNEAVALDVDPLYAKLRAEEPVVRVSCPFGEDAWLVTSHADMKTILADP
RFSRALAAEHDESRLTPLPIHTSILGMDSPDHTRLRRLLAKVFTMRRVELLRPRIEQEADRLIDALIAEGPPGDLMEGFA
VPFAGTVVCDLLGVPFEDREQFRGWLDAFSATTVMTEEEIEADTERLHGYIAQLMVRRRAEPQDDLISAMVKASDEEEKL
SEKELVELASVLLIAGHETVSSQLIDSLHVLFTHPEQLRLLKDRPELMPGTVEELMRFVPLISHVTFARYATEDVELSGT
LVRAGESVLPAIPSANRDESVFENADRFDLTREHNPHLGFGYGIHRCLGAPLARLEMQVALDSLLRRLPELRCAVPAESL
EWKDGMQVRSLLELPVLW
;
_entity_poly.pdbx_strand_id   A
#
loop_
_chem_comp.id
_chem_comp.type
_chem_comp.name
_chem_comp.formula
B9U non-polymer (2S)-2-hydroxy-N-[(2S)-1-hydroxy-3-(1H-indol-3-yl)propan-2-yl]-3-methylbutanamide 'C16 H22 N2 O3'
HEM non-polymer 'PROTOPORPHYRIN IX CONTAINING FE' 'C34 H32 Fe N4 O4'
#
# COMPACT_ATOMS: atom_id res chain seq x y z
N PRO A 27 -6.46 5.21 -28.36
CA PRO A 27 -5.61 5.54 -27.22
C PRO A 27 -4.68 4.39 -26.89
N LEU A 28 -3.50 4.73 -26.36
CA LEU A 28 -2.52 3.73 -25.96
C LEU A 28 -3.15 2.73 -24.99
N SER A 29 -2.87 1.45 -25.22
CA SER A 29 -3.31 0.46 -24.25
C SER A 29 -2.41 0.55 -23.02
N TYR A 30 -3.03 0.52 -21.86
CA TYR A 30 -2.33 0.72 -20.61
C TYR A 30 -2.71 -0.40 -19.67
N PRO A 31 -1.77 -0.92 -18.86
CA PRO A 31 -0.35 -0.56 -18.75
C PRO A 31 0.42 -0.81 -20.04
N PHE A 32 1.43 0.04 -20.29
CA PHE A 32 2.22 -0.10 -21.50
C PHE A 32 3.00 -1.42 -21.51
N ASN A 33 3.61 -1.76 -20.38
CA ASN A 33 4.38 -2.98 -20.22
C ASN A 33 4.13 -3.54 -18.82
N GLU A 34 4.23 -4.86 -18.69
CA GLU A 34 4.14 -5.49 -17.38
C GLU A 34 5.25 -4.95 -16.48
N ALA A 35 4.90 -4.67 -15.23
CA ALA A 35 5.90 -4.18 -14.28
C ALA A 35 6.92 -5.27 -13.98
N VAL A 36 8.20 -4.95 -14.10
CA VAL A 36 9.27 -5.93 -13.93
C VAL A 36 10.08 -5.56 -12.70
N ALA A 37 10.16 -6.48 -11.74
CA ALA A 37 10.96 -6.31 -10.52
C ALA A 37 10.61 -4.94 -9.93
N LEU A 38 11.59 -4.09 -9.62
CA LEU A 38 11.33 -2.71 -9.26
C LEU A 38 11.75 -1.75 -10.37
N ASP A 39 11.86 -2.23 -11.61
CA ASP A 39 12.21 -1.35 -12.71
C ASP A 39 11.03 -0.43 -13.05
N VAL A 40 11.34 0.83 -13.30
CA VAL A 40 10.32 1.78 -13.74
C VAL A 40 10.33 1.82 -15.27
N ASP A 41 9.16 1.73 -15.87
CA ASP A 41 9.02 1.84 -17.31
C ASP A 41 9.54 3.20 -17.77
N PRO A 42 10.52 3.26 -18.67
CA PRO A 42 11.09 4.57 -19.04
C PRO A 42 10.10 5.52 -19.70
N LEU A 43 8.93 5.02 -20.13
CA LEU A 43 7.90 5.88 -20.71
C LEU A 43 7.41 6.94 -19.74
N TYR A 44 7.40 6.65 -18.43
CA TYR A 44 6.94 7.66 -17.48
C TYR A 44 7.81 8.91 -17.52
N ALA A 45 9.14 8.72 -17.57
CA ALA A 45 10.05 9.85 -17.67
C ALA A 45 9.80 10.64 -18.95
N LYS A 46 9.59 9.94 -20.07
CA LYS A 46 9.28 10.61 -21.33
C LYS A 46 7.94 11.31 -21.27
N LEU A 47 6.92 10.67 -20.67
CA LEU A 47 5.63 11.33 -20.51
C LEU A 47 5.75 12.56 -19.63
N ARG A 48 6.45 12.43 -18.50
CA ARG A 48 6.61 13.57 -17.61
C ARG A 48 7.27 14.74 -18.35
N ALA A 49 8.18 14.44 -19.28
CA ALA A 49 8.89 15.49 -20.00
C ALA A 49 8.05 16.06 -21.14
N GLU A 50 7.37 15.21 -21.91
CA GLU A 50 6.82 15.60 -23.20
C GLU A 50 5.30 15.59 -23.27
N GLU A 51 4.62 14.82 -22.42
CA GLU A 51 3.16 14.80 -22.48
C GLU A 51 2.62 14.22 -21.17
N PRO A 52 2.53 15.03 -20.11
CA PRO A 52 2.33 14.47 -18.76
C PRO A 52 0.99 13.81 -18.55
N VAL A 53 0.00 14.08 -19.40
CA VAL A 53 -1.32 13.51 -19.30
C VAL A 53 -1.67 12.95 -20.67
N VAL A 54 -2.00 11.66 -20.73
CA VAL A 54 -2.16 10.96 -22.00
C VAL A 54 -3.38 10.06 -21.92
N ARG A 55 -4.12 9.96 -23.02
CA ARG A 55 -5.32 9.14 -23.04
C ARG A 55 -4.93 7.68 -23.25
N VAL A 56 -5.52 6.79 -22.45
CA VAL A 56 -5.22 5.37 -22.51
C VAL A 56 -6.52 4.58 -22.45
N SER A 57 -6.48 3.36 -22.99
CA SER A 57 -7.51 2.37 -22.72
C SER A 57 -7.02 1.45 -21.62
N CYS A 58 -7.93 1.07 -20.74
CA CYS A 58 -7.61 0.27 -19.57
C CYS A 58 -7.95 -1.19 -19.80
N PRO A 59 -7.32 -2.11 -19.06
CA PRO A 59 -7.73 -3.52 -19.17
C PRO A 59 -9.21 -3.74 -18.93
N PHE A 60 -9.83 -2.93 -18.05
CA PHE A 60 -11.24 -3.05 -17.74
C PHE A 60 -11.81 -1.65 -17.54
N GLY A 61 -13.11 -1.52 -17.79
CA GLY A 61 -13.77 -0.23 -17.69
C GLY A 61 -13.44 0.76 -18.79
N GLU A 62 -13.83 2.01 -18.53
CA GLU A 62 -13.75 3.07 -19.51
C GLU A 62 -12.29 3.49 -19.76
N ASP A 63 -12.09 4.12 -20.90
CA ASP A 63 -10.82 4.80 -21.15
C ASP A 63 -10.59 5.86 -20.08
N ALA A 64 -9.34 6.28 -19.94
CA ALA A 64 -8.99 7.18 -18.86
C ALA A 64 -7.85 8.08 -19.29
N TRP A 65 -7.57 9.06 -18.45
CA TRP A 65 -6.39 9.90 -18.60
C TRP A 65 -5.34 9.43 -17.60
N LEU A 66 -4.21 8.97 -18.12
CA LEU A 66 -3.06 8.65 -17.29
C LEU A 66 -2.36 9.93 -16.84
N VAL A 67 -2.22 10.11 -15.54
CA VAL A 67 -1.58 11.30 -14.97
C VAL A 67 -0.21 10.88 -14.41
N THR A 68 0.83 11.64 -14.74
CA THR A 68 2.19 11.20 -14.45
C THR A 68 3.00 12.13 -13.57
N SER A 69 2.64 13.41 -13.47
CA SER A 69 3.48 14.38 -12.79
C SER A 69 3.05 14.53 -11.32
N HIS A 70 4.00 15.01 -10.51
CA HIS A 70 3.76 15.20 -9.08
C HIS A 70 2.68 16.26 -8.84
N ALA A 71 2.75 17.37 -9.57
CA ALA A 71 1.78 18.45 -9.33
C ALA A 71 0.38 18.03 -9.73
N ASP A 72 0.24 17.34 -10.87
CA ASP A 72 -1.08 16.87 -11.26
C ASP A 72 -1.55 15.73 -10.35
N MET A 73 -0.62 14.94 -9.82
CA MET A 73 -1.00 13.90 -8.86
C MET A 73 -1.69 14.52 -7.66
N LYS A 74 -1.11 15.60 -7.12
CA LYS A 74 -1.73 16.26 -5.97
C LYS A 74 -3.12 16.75 -6.31
N THR A 75 -3.29 17.32 -7.50
CA THR A 75 -4.59 17.84 -7.89
C THR A 75 -5.65 16.74 -7.94
N ILE A 76 -5.35 15.64 -8.62
CA ILE A 76 -6.40 14.61 -8.77
C ILE A 76 -6.62 13.87 -7.47
N LEU A 77 -5.64 13.86 -6.56
CA LEU A 77 -5.82 13.18 -5.27
C LEU A 77 -6.56 14.03 -4.26
N ALA A 78 -6.35 15.35 -4.27
CA ALA A 78 -6.87 16.22 -3.22
C ALA A 78 -7.88 17.27 -3.68
N ASP A 79 -7.84 17.71 -4.93
CA ASP A 79 -8.78 18.73 -5.39
C ASP A 79 -10.20 18.18 -5.36
N PRO A 80 -11.15 18.88 -4.72
CA PRO A 80 -12.51 18.32 -4.64
C PRO A 80 -13.22 18.22 -5.98
N ARG A 81 -12.68 18.82 -7.06
CA ARG A 81 -13.26 18.61 -8.38
C ARG A 81 -13.08 17.17 -8.87
N PHE A 82 -12.35 16.32 -8.15
CA PHE A 82 -12.15 14.93 -8.56
C PHE A 82 -12.75 14.02 -7.50
N SER A 83 -13.56 13.06 -7.93
CA SER A 83 -14.37 12.26 -7.03
C SER A 83 -14.03 10.77 -7.15
N ARG A 84 -14.06 10.06 -6.02
CA ARG A 84 -14.00 8.61 -6.00
C ARG A 84 -15.40 8.00 -6.09
N ALA A 85 -16.39 8.61 -5.43
CA ALA A 85 -17.72 8.03 -5.40
C ALA A 85 -18.35 8.05 -6.79
N LEU A 86 -17.97 9.01 -7.64
CA LEU A 86 -18.46 9.04 -9.01
C LEU A 86 -18.12 7.77 -9.79
N ALA A 87 -17.02 7.10 -9.42
CA ALA A 87 -16.62 5.88 -10.13
C ALA A 87 -17.72 4.82 -10.11
N ALA A 88 -18.51 4.78 -9.03
CA ALA A 88 -19.60 3.82 -8.94
C ALA A 88 -20.71 4.09 -9.93
N GLU A 89 -20.78 5.31 -10.47
CA GLU A 89 -21.74 5.66 -11.51
C GLU A 89 -21.18 5.40 -12.91
N HIS A 90 -20.02 4.77 -13.01
CA HIS A 90 -19.39 4.42 -14.27
C HIS A 90 -18.97 2.96 -14.26
N ASP A 91 -18.52 2.50 -15.41
CA ASP A 91 -17.74 1.27 -15.49
C ASP A 91 -16.30 1.70 -15.23
N GLU A 92 -15.93 1.72 -13.95
CA GLU A 92 -14.74 2.40 -13.48
C GLU A 92 -13.49 1.94 -14.21
N SER A 93 -12.76 2.90 -14.78
CA SER A 93 -11.42 2.65 -15.32
C SER A 93 -10.55 1.98 -14.26
N ARG A 94 -9.89 0.88 -14.64
CA ARG A 94 -9.23 0.05 -13.64
C ARG A 94 -8.38 -1.01 -14.31
N LEU A 95 -7.47 -1.59 -13.53
CA LEU A 95 -6.67 -2.73 -13.97
C LEU A 95 -7.20 -4.06 -13.45
N THR A 96 -8.19 -4.03 -12.55
CA THR A 96 -8.73 -5.23 -11.93
C THR A 96 -10.01 -5.65 -12.64
N PRO A 97 -10.22 -6.96 -12.81
CA PRO A 97 -11.41 -7.43 -13.55
C PRO A 97 -12.72 -6.83 -13.04
N LEU A 98 -12.85 -6.67 -11.72
CA LEU A 98 -14.00 -6.06 -11.09
C LEU A 98 -13.56 -4.85 -10.28
N PRO A 99 -14.41 -3.84 -10.15
CA PRO A 99 -14.10 -2.74 -9.21
C PRO A 99 -13.82 -3.28 -7.82
N ILE A 100 -12.86 -2.69 -7.14
CA ILE A 100 -12.52 -3.16 -5.81
C ILE A 100 -13.48 -2.53 -4.81
N HIS A 101 -13.82 -3.28 -3.77
CA HIS A 101 -14.61 -2.76 -2.66
C HIS A 101 -13.65 -1.97 -1.78
N THR A 102 -13.49 -0.68 -2.10
CA THR A 102 -12.48 0.14 -1.44
C THR A 102 -12.99 0.87 -0.21
N SER A 103 -14.26 0.68 0.17
CA SER A 103 -14.80 1.13 1.46
C SER A 103 -14.59 2.64 1.56
N ILE A 104 -13.91 3.12 2.61
CA ILE A 104 -13.67 4.56 2.80
C ILE A 104 -13.00 5.17 1.57
N LEU A 105 -12.11 4.41 0.92
CA LEU A 105 -11.35 4.96 -0.19
C LEU A 105 -12.17 5.09 -1.47
N GLY A 106 -13.41 4.61 -1.47
CA GLY A 106 -14.33 4.78 -2.57
C GLY A 106 -15.41 5.81 -2.33
N MET A 107 -15.28 6.62 -1.27
CA MET A 107 -16.33 7.53 -0.87
C MET A 107 -15.88 8.98 -0.97
N ASP A 108 -16.86 9.87 -1.17
CA ASP A 108 -16.67 11.31 -1.08
C ASP A 108 -17.29 11.80 0.22
N SER A 109 -17.05 13.07 0.51
CA SER A 109 -17.83 13.73 1.56
C SER A 109 -19.31 13.69 1.16
N PRO A 110 -20.23 13.42 2.10
CA PRO A 110 -20.00 13.25 3.54
C PRO A 110 -19.72 11.82 4.00
N ASP A 111 -20.15 10.80 3.23
CA ASP A 111 -19.95 9.42 3.66
C ASP A 111 -18.51 9.17 4.08
N HIS A 112 -17.55 9.72 3.31
CA HIS A 112 -16.14 9.56 3.65
C HIS A 112 -15.83 10.17 5.02
N THR A 113 -16.31 11.39 5.24
CA THR A 113 -16.08 12.04 6.53
C THR A 113 -16.58 11.16 7.67
N ARG A 114 -17.73 10.50 7.49
CA ARG A 114 -18.30 9.65 8.54
C ARG A 114 -17.37 8.50 8.90
N LEU A 115 -16.82 7.80 7.90
CA LEU A 115 -15.94 6.67 8.21
C LEU A 115 -14.56 7.14 8.66
N ARG A 116 -14.05 8.22 8.06
CA ARG A 116 -12.76 8.76 8.48
C ARG A 116 -12.80 9.22 9.93
N ARG A 117 -13.87 9.88 10.33
CA ARG A 117 -14.01 10.29 11.73
C ARG A 117 -14.05 9.06 12.63
N LEU A 118 -14.84 8.05 12.22
CA LEU A 118 -14.93 6.84 13.03
C LEU A 118 -13.55 6.25 13.26
N LEU A 119 -12.77 6.12 12.17
CA LEU A 119 -11.47 5.49 12.26
C LEU A 119 -10.49 6.34 13.06
N ALA A 120 -10.45 7.64 12.79
CA ALA A 120 -9.54 8.51 13.54
C ALA A 120 -9.84 8.49 15.03
N LYS A 121 -11.11 8.34 15.41
CA LYS A 121 -11.41 8.31 16.83
C LYS A 121 -10.92 7.04 17.50
N VAL A 122 -10.94 5.91 16.79
CA VAL A 122 -10.47 4.67 17.40
C VAL A 122 -9.03 4.34 16.99
N PHE A 123 -8.57 4.83 15.84
CA PHE A 123 -7.21 4.56 15.37
C PHE A 123 -6.30 5.73 15.75
N THR A 124 -6.09 5.89 17.06
CA THR A 124 -5.39 7.04 17.59
C THR A 124 -3.88 6.83 17.58
N MET A 125 -3.17 7.95 17.70
CA MET A 125 -1.72 7.88 17.83
C MET A 125 -1.30 7.17 19.10
N ARG A 126 -2.06 7.38 20.19
CA ARG A 126 -1.73 6.68 21.42
C ARG A 126 -1.84 5.17 21.23
N ARG A 127 -2.87 4.72 20.51
CA ARG A 127 -3.00 3.28 20.26
C ARG A 127 -1.78 2.77 19.52
N VAL A 128 -1.35 3.50 18.48
CA VAL A 128 -0.19 3.10 17.69
C VAL A 128 1.05 3.01 18.57
N GLU A 129 1.40 4.10 19.24
CA GLU A 129 2.61 4.05 20.07
C GLU A 129 2.49 3.05 21.21
N LEU A 130 1.28 2.74 21.67
CA LEU A 130 1.12 1.63 22.61
C LEU A 130 1.42 0.27 21.97
N LEU A 131 1.49 0.20 20.64
CA LEU A 131 1.82 -1.04 19.97
C LEU A 131 3.33 -1.25 19.87
N ARG A 132 4.11 -0.17 20.01
CA ARG A 132 5.55 -0.24 19.77
C ARG A 132 6.23 -1.43 20.46
N PRO A 133 6.06 -1.68 21.76
CA PRO A 133 6.81 -2.79 22.38
C PRO A 133 6.43 -4.14 21.80
N ARG A 134 5.16 -4.31 21.47
CA ARG A 134 4.71 -5.53 20.81
C ARG A 134 5.31 -5.65 19.41
N ILE A 135 5.38 -4.53 18.68
CA ILE A 135 5.97 -4.57 17.34
C ILE A 135 7.46 -4.88 17.43
N GLU A 136 8.17 -4.22 18.33
CA GLU A 136 9.59 -4.49 18.53
C GLU A 136 9.81 -5.94 18.94
N GLN A 137 8.97 -6.46 19.83
CA GLN A 137 9.12 -7.84 20.29
C GLN A 137 8.91 -8.82 19.14
N GLU A 138 7.93 -8.55 18.27
CA GLU A 138 7.69 -9.45 17.15
C GLU A 138 8.89 -9.48 16.20
N ALA A 139 9.49 -8.32 15.93
CA ALA A 139 10.69 -8.31 15.09
C ALA A 139 11.82 -9.11 15.73
N ASP A 140 12.00 -8.95 17.05
CA ASP A 140 13.06 -9.72 17.71
C ASP A 140 12.77 -11.21 17.70
N ARG A 141 11.51 -11.58 17.90
CA ARG A 141 11.16 -13.00 17.89
C ARG A 141 11.36 -13.61 16.51
N LEU A 142 11.00 -12.87 15.46
CA LEU A 142 11.22 -13.35 14.11
C LEU A 142 12.70 -13.50 13.81
N ILE A 143 13.52 -12.60 14.33
CA ILE A 143 14.94 -12.73 14.06
C ILE A 143 15.54 -13.88 14.87
N ASP A 144 15.05 -14.09 16.11
CA ASP A 144 15.46 -15.26 16.90
C ASP A 144 15.24 -16.55 16.11
N ALA A 145 14.10 -16.64 15.42
CA ALA A 145 13.76 -17.82 14.62
C ALA A 145 14.67 -17.97 13.42
N LEU A 146 14.86 -16.89 12.64
CA LEU A 146 15.79 -16.93 11.52
C LEU A 146 17.16 -17.44 11.98
N ILE A 147 17.67 -16.90 13.09
CA ILE A 147 18.97 -17.31 13.59
C ILE A 147 18.95 -18.78 14.01
N ALA A 148 17.93 -19.19 14.76
CA ALA A 148 17.86 -20.58 15.19
C ALA A 148 17.75 -21.53 13.99
N GLU A 149 17.14 -21.09 12.90
CA GLU A 149 17.03 -21.92 11.71
C GLU A 149 18.25 -21.86 10.82
N GLY A 150 19.10 -20.85 10.98
CA GLY A 150 20.33 -20.74 10.23
C GLY A 150 20.12 -20.27 8.80
N PRO A 151 21.15 -19.68 8.21
CA PRO A 151 21.05 -19.18 6.85
C PRO A 151 21.11 -20.32 5.84
N PRO A 152 20.54 -20.13 4.64
CA PRO A 152 19.87 -18.88 4.26
C PRO A 152 18.45 -18.78 4.79
N GLY A 153 18.04 -17.56 5.19
CA GLY A 153 16.67 -17.30 5.57
C GLY A 153 15.96 -16.53 4.48
N ASP A 154 14.63 -16.51 4.55
CA ASP A 154 13.81 -15.80 3.56
C ASP A 154 13.20 -14.59 4.26
N LEU A 155 13.66 -13.39 3.88
CA LEU A 155 13.12 -12.21 4.54
C LEU A 155 11.66 -11.95 4.20
N MET A 156 11.08 -12.65 3.22
CA MET A 156 9.66 -12.44 2.88
C MET A 156 8.78 -13.30 3.77
N GLU A 157 8.75 -14.62 3.52
CA GLU A 157 7.93 -15.50 4.35
C GLU A 157 8.50 -15.69 5.74
N GLY A 158 9.79 -15.42 5.93
CA GLY A 158 10.37 -15.58 7.25
C GLY A 158 10.50 -14.28 8.03
N PHE A 159 10.23 -13.11 7.41
CA PHE A 159 10.19 -11.88 8.20
C PHE A 159 9.05 -10.93 7.80
N ALA A 160 9.07 -10.41 6.58
CA ALA A 160 8.17 -9.31 6.23
C ALA A 160 6.71 -9.72 6.38
N VAL A 161 6.35 -10.87 5.83
CA VAL A 161 4.98 -11.36 5.88
C VAL A 161 4.51 -11.55 7.32
N PRO A 162 5.15 -12.41 8.14
CA PRO A 162 4.62 -12.60 9.50
C PRO A 162 4.77 -11.37 10.38
N PHE A 163 5.77 -10.52 10.14
CA PHE A 163 5.88 -9.27 10.89
C PHE A 163 4.67 -8.39 10.62
N ALA A 164 4.45 -8.06 9.34
CA ALA A 164 3.29 -7.27 8.95
C ALA A 164 2.01 -7.94 9.41
N GLY A 165 1.93 -9.26 9.26
CA GLY A 165 0.69 -9.96 9.56
C GLY A 165 0.36 -9.94 11.03
N THR A 166 1.33 -10.24 11.89
CA THR A 166 1.07 -10.23 13.34
C THR A 166 0.70 -8.84 13.82
N VAL A 167 1.39 -7.81 13.31
CA VAL A 167 1.09 -6.44 13.74
C VAL A 167 -0.34 -6.06 13.38
N VAL A 168 -0.75 -6.28 12.13
CA VAL A 168 -2.09 -5.86 11.74
C VAL A 168 -3.13 -6.74 12.43
N CYS A 169 -2.83 -8.03 12.57
CA CYS A 169 -3.76 -8.91 13.27
C CYS A 169 -3.92 -8.48 14.73
N ASP A 170 -2.82 -8.14 15.40
CA ASP A 170 -2.89 -7.60 16.75
C ASP A 170 -3.77 -6.37 16.81
N LEU A 171 -3.54 -5.43 15.88
CA LEU A 171 -4.25 -4.16 15.85
C LEU A 171 -5.74 -4.35 15.55
N LEU A 172 -6.03 -5.10 14.49
CA LEU A 172 -7.41 -5.22 14.03
C LEU A 172 -8.24 -6.12 14.92
N GLY A 173 -7.62 -7.16 15.49
CA GLY A 173 -8.38 -8.20 16.15
C GLY A 173 -8.69 -9.38 15.27
N VAL A 174 -8.07 -9.48 14.10
CA VAL A 174 -8.15 -10.69 13.30
C VAL A 174 -7.15 -11.70 13.85
N PRO A 175 -7.57 -12.92 14.18
CA PRO A 175 -6.62 -13.91 14.74
C PRO A 175 -5.56 -14.24 13.71
N PHE A 176 -4.29 -14.03 14.08
CA PHE A 176 -3.18 -14.41 13.21
C PHE A 176 -3.21 -15.90 12.89
N GLU A 177 -3.73 -16.71 13.83
CA GLU A 177 -3.88 -18.15 13.63
C GLU A 177 -4.84 -18.50 12.49
N ASP A 178 -5.67 -17.56 12.04
CA ASP A 178 -6.58 -17.80 10.92
C ASP A 178 -5.94 -17.45 9.57
N ARG A 179 -4.67 -17.05 9.59
CA ARG A 179 -3.97 -16.66 8.37
C ARG A 179 -4.07 -17.75 7.31
N GLU A 180 -3.98 -19.01 7.72
CA GLU A 180 -4.10 -20.14 6.81
C GLU A 180 -5.40 -20.08 6.01
N GLN A 181 -6.46 -19.54 6.61
CA GLN A 181 -7.77 -19.41 5.98
C GLN A 181 -7.85 -18.16 5.12
N PHE A 182 -7.61 -16.99 5.72
CA PHE A 182 -7.93 -15.74 5.03
C PHE A 182 -6.84 -15.29 4.07
N ARG A 183 -5.58 -15.69 4.26
CA ARG A 183 -4.52 -15.10 3.46
C ARG A 183 -4.69 -15.40 1.98
N GLY A 184 -5.24 -16.57 1.65
CA GLY A 184 -5.50 -16.92 0.25
C GLY A 184 -6.68 -16.19 -0.37
N TRP A 185 -7.44 -15.39 0.39
CA TRP A 185 -8.48 -14.57 -0.21
C TRP A 185 -8.03 -13.14 -0.50
N LEU A 186 -6.87 -12.72 0.01
CA LEU A 186 -6.50 -11.31 -0.07
C LEU A 186 -6.19 -10.88 -1.50
N ASP A 187 -5.58 -11.78 -2.29
CA ASP A 187 -5.22 -11.45 -3.66
C ASP A 187 -6.42 -10.99 -4.47
N ALA A 188 -7.62 -11.47 -4.13
CA ALA A 188 -8.82 -11.05 -4.85
C ALA A 188 -8.98 -9.54 -4.89
N PHE A 189 -8.41 -8.83 -3.91
CA PHE A 189 -8.54 -7.38 -3.79
C PHE A 189 -7.47 -6.64 -4.59
N SER A 190 -6.53 -7.36 -5.16
CA SER A 190 -5.36 -6.78 -5.81
C SER A 190 -5.05 -7.38 -7.18
N ALA A 191 -5.60 -8.54 -7.53
CA ALA A 191 -5.15 -9.23 -8.73
C ALA A 191 -5.62 -8.48 -9.99
N THR A 192 -4.72 -8.35 -10.96
CA THR A 192 -5.10 -7.71 -12.21
C THR A 192 -5.35 -8.76 -13.30
N THR A 193 -4.31 -9.49 -13.69
CA THR A 193 -4.37 -10.43 -14.81
C THR A 193 -4.55 -11.89 -14.38
N VAL A 194 -4.35 -12.22 -13.11
CA VAL A 194 -4.13 -13.61 -12.74
C VAL A 194 -5.33 -14.25 -12.05
N MET A 195 -6.48 -13.58 -11.98
CA MET A 195 -7.70 -14.18 -11.43
C MET A 195 -8.90 -13.87 -12.30
N THR A 196 -9.83 -14.82 -12.39
CA THR A 196 -11.08 -14.54 -13.08
C THR A 196 -12.04 -13.76 -12.21
N GLU A 197 -13.02 -13.13 -12.87
CA GLU A 197 -14.15 -12.50 -12.17
C GLU A 197 -14.71 -13.42 -11.10
N GLU A 198 -14.91 -14.70 -11.46
CA GLU A 198 -15.59 -15.64 -10.57
C GLU A 198 -14.74 -15.93 -9.33
N GLU A 199 -13.42 -16.08 -9.52
CA GLU A 199 -12.55 -16.34 -8.39
C GLU A 199 -12.44 -15.13 -7.49
N ILE A 200 -12.40 -13.94 -8.08
CA ILE A 200 -12.38 -12.71 -7.29
C ILE A 200 -13.67 -12.55 -6.49
N GLU A 201 -14.81 -12.80 -7.14
CA GLU A 201 -16.07 -12.64 -6.44
C GLU A 201 -16.19 -13.63 -5.29
N ALA A 202 -15.80 -14.88 -5.52
CA ALA A 202 -15.89 -15.90 -4.48
C ALA A 202 -14.99 -15.57 -3.29
N ASP A 203 -13.74 -15.19 -3.57
CA ASP A 203 -12.81 -14.89 -2.48
C ASP A 203 -13.21 -13.62 -1.74
N THR A 204 -13.73 -12.61 -2.45
CA THR A 204 -14.20 -11.40 -1.80
C THR A 204 -15.32 -11.73 -0.83
N GLU A 205 -16.25 -12.57 -1.26
CA GLU A 205 -17.32 -13.02 -0.38
C GLU A 205 -16.77 -13.80 0.80
N ARG A 206 -15.74 -14.63 0.57
CA ARG A 206 -15.18 -15.40 1.67
C ARG A 206 -14.57 -14.49 2.73
N LEU A 207 -13.80 -13.48 2.28
CA LEU A 207 -13.17 -12.58 3.25
C LEU A 207 -14.21 -11.78 3.99
N HIS A 208 -15.17 -11.17 3.26
CA HIS A 208 -16.20 -10.37 3.90
C HIS A 208 -17.00 -11.21 4.90
N GLY A 209 -17.33 -12.45 4.53
CA GLY A 209 -18.09 -13.29 5.42
C GLY A 209 -17.31 -13.76 6.64
N TYR A 210 -15.99 -13.94 6.48
CA TYR A 210 -15.13 -14.26 7.62
C TYR A 210 -15.06 -13.10 8.60
N ILE A 211 -14.87 -11.88 8.08
CA ILE A 211 -14.87 -10.71 8.94
C ILE A 211 -16.22 -10.54 9.62
N ALA A 212 -17.31 -10.81 8.91
CA ALA A 212 -18.63 -10.65 9.49
C ALA A 212 -18.83 -11.59 10.68
N GLN A 213 -18.35 -12.83 10.57
CA GLN A 213 -18.43 -13.73 11.71
C GLN A 213 -17.55 -13.25 12.86
N LEU A 214 -16.35 -12.74 12.54
CA LEU A 214 -15.52 -12.16 13.58
C LEU A 214 -16.24 -11.03 14.31
N MET A 215 -16.97 -10.20 13.56
CA MET A 215 -17.66 -9.07 14.16
C MET A 215 -18.73 -9.51 15.14
N VAL A 216 -19.37 -10.66 14.90
CA VAL A 216 -20.37 -11.15 15.86
C VAL A 216 -19.71 -11.46 17.19
N ARG A 217 -18.60 -12.19 17.16
CA ARG A 217 -17.84 -12.48 18.37
C ARG A 217 -17.38 -11.20 19.05
N ARG A 218 -16.81 -10.26 18.28
CA ARG A 218 -16.22 -9.06 18.88
C ARG A 218 -17.27 -8.10 19.43
N ARG A 219 -18.46 -8.10 18.83
CA ARG A 219 -19.56 -7.33 19.41
C ARG A 219 -19.92 -7.85 20.80
N ALA A 220 -20.03 -9.18 20.94
CA ALA A 220 -20.43 -9.79 22.20
C ALA A 220 -19.30 -9.78 23.21
N GLU A 221 -18.06 -9.83 22.74
CA GLU A 221 -16.89 -10.06 23.59
C GLU A 221 -15.77 -9.12 23.14
N PRO A 222 -15.91 -7.82 23.41
CA PRO A 222 -14.93 -6.85 22.89
C PRO A 222 -13.56 -7.09 23.47
N GLN A 223 -12.55 -6.97 22.62
CA GLN A 223 -11.16 -7.04 23.02
C GLN A 223 -10.52 -5.70 22.71
N ASP A 224 -9.24 -5.57 23.07
CA ASP A 224 -8.50 -4.34 22.78
C ASP A 224 -7.98 -4.38 21.34
N ASP A 225 -8.87 -4.10 20.41
CA ASP A 225 -8.51 -4.12 19.00
C ASP A 225 -9.47 -3.22 18.24
N LEU A 226 -9.11 -2.94 16.98
CA LEU A 226 -9.85 -1.95 16.21
C LEU A 226 -11.27 -2.41 15.86
N ILE A 227 -11.43 -3.69 15.52
CA ILE A 227 -12.77 -4.16 15.15
C ILE A 227 -13.74 -3.99 16.31
N SER A 228 -13.30 -4.34 17.54
CA SER A 228 -14.15 -4.16 18.70
C SER A 228 -14.49 -2.69 18.91
N ALA A 229 -13.47 -1.83 18.80
CA ALA A 229 -13.68 -0.38 18.98
C ALA A 229 -14.59 0.17 17.90
N MET A 230 -14.43 -0.30 16.65
CA MET A 230 -15.28 0.16 15.57
C MET A 230 -16.72 -0.29 15.77
N VAL A 231 -16.90 -1.54 16.18
CA VAL A 231 -18.25 -2.04 16.40
C VAL A 231 -18.91 -1.26 17.54
N LYS A 232 -18.18 -1.05 18.63
CA LYS A 232 -18.72 -0.29 19.75
C LYS A 232 -19.06 1.13 19.34
N ALA A 233 -18.11 1.84 18.72
CA ALA A 233 -18.36 3.22 18.31
C ALA A 233 -19.49 3.29 17.28
N SER A 234 -19.59 2.32 16.37
CA SER A 234 -20.66 2.33 15.39
C SER A 234 -22.01 2.02 16.04
N ASP A 235 -22.06 0.98 16.87
CA ASP A 235 -23.32 0.58 17.48
C ASP A 235 -23.86 1.69 18.37
N GLU A 236 -22.97 2.48 18.97
CA GLU A 236 -23.33 3.49 19.98
C GLU A 236 -23.58 4.87 19.37
N GLU A 237 -22.70 5.36 18.50
CA GLU A 237 -22.84 6.73 18.04
C GLU A 237 -22.74 6.85 16.52
N GLU A 238 -21.58 6.51 15.95
CA GLU A 238 -21.30 6.68 14.53
C GLU A 238 -21.84 5.48 13.75
N LYS A 239 -23.17 5.45 13.64
CA LYS A 239 -23.83 4.29 13.05
C LYS A 239 -23.29 4.02 11.66
N LEU A 240 -22.75 2.81 11.48
CA LEU A 240 -22.39 2.27 10.19
C LEU A 240 -23.19 1.01 9.97
N SER A 241 -23.50 0.70 8.72
CA SER A 241 -24.08 -0.60 8.45
C SER A 241 -23.06 -1.71 8.73
N GLU A 242 -23.59 -2.89 9.03
CA GLU A 242 -22.74 -4.08 9.16
C GLU A 242 -21.83 -4.22 7.94
N LYS A 243 -22.40 -4.09 6.74
CA LYS A 243 -21.62 -4.24 5.52
C LYS A 243 -20.51 -3.21 5.42
N GLU A 244 -20.80 -1.96 5.78
CA GLU A 244 -19.76 -0.93 5.77
C GLU A 244 -18.64 -1.27 6.76
N LEU A 245 -19.01 -1.71 7.96
CA LEU A 245 -18.02 -2.14 8.94
C LEU A 245 -17.17 -3.27 8.38
N VAL A 246 -17.80 -4.28 7.77
CA VAL A 246 -17.07 -5.42 7.22
C VAL A 246 -16.10 -4.96 6.14
N GLU A 247 -16.54 -4.07 5.26
CA GLU A 247 -15.71 -3.71 4.13
C GLU A 247 -14.54 -2.83 4.54
N LEU A 248 -14.73 -2.05 5.61
CA LEU A 248 -13.67 -1.20 6.14
C LEU A 248 -12.62 -2.04 6.88
N ALA A 249 -13.06 -2.93 7.77
CA ALA A 249 -12.10 -3.83 8.41
C ALA A 249 -11.32 -4.63 7.38
N SER A 250 -11.99 -5.03 6.29
CA SER A 250 -11.33 -5.82 5.27
C SER A 250 -10.19 -5.03 4.62
N VAL A 251 -10.45 -3.78 4.22
CA VAL A 251 -9.35 -3.04 3.59
C VAL A 251 -8.25 -2.74 4.59
N LEU A 252 -8.57 -2.61 5.88
CA LEU A 252 -7.52 -2.42 6.87
C LEU A 252 -6.63 -3.65 6.97
N LEU A 253 -7.24 -4.84 6.85
CA LEU A 253 -6.48 -6.08 6.85
C LEU A 253 -5.56 -6.14 5.63
N ILE A 254 -6.09 -5.82 4.44
CA ILE A 254 -5.29 -5.81 3.22
C ILE A 254 -4.13 -4.84 3.35
N ALA A 255 -4.42 -3.60 3.79
CA ALA A 255 -3.37 -2.60 3.90
C ALA A 255 -2.27 -3.05 4.86
N GLY A 256 -2.64 -3.52 6.05
CA GLY A 256 -1.62 -3.92 7.00
C GLY A 256 -0.88 -5.18 6.60
N HIS A 257 -1.61 -6.17 6.07
CA HIS A 257 -1.01 -7.45 5.76
C HIS A 257 -0.21 -7.39 4.46
N GLU A 258 -0.81 -6.86 3.42
CA GLU A 258 -0.21 -6.91 2.08
C GLU A 258 0.62 -5.68 1.76
N THR A 259 0.05 -4.47 1.87
CA THR A 259 0.82 -3.29 1.52
C THR A 259 2.08 -3.16 2.37
N VAL A 260 1.96 -3.39 3.68
CA VAL A 260 3.13 -3.22 4.56
C VAL A 260 4.20 -4.24 4.20
N SER A 261 3.82 -5.52 4.05
CA SER A 261 4.85 -6.53 3.77
C SER A 261 5.45 -6.34 2.37
N SER A 262 4.64 -5.88 1.42
CA SER A 262 5.17 -5.59 0.09
C SER A 262 6.18 -4.45 0.13
N GLN A 263 5.81 -3.34 0.78
CA GLN A 263 6.73 -2.20 0.89
C GLN A 263 8.02 -2.60 1.61
N LEU A 264 7.90 -3.37 2.70
CA LEU A 264 9.08 -3.75 3.48
C LEU A 264 10.02 -4.64 2.67
N ILE A 265 9.47 -5.67 2.00
CA ILE A 265 10.38 -6.55 1.26
C ILE A 265 10.97 -5.83 0.06
N ASP A 266 10.21 -4.92 -0.57
CA ASP A 266 10.78 -4.14 -1.66
C ASP A 266 11.86 -3.21 -1.14
N SER A 267 11.65 -2.66 0.06
CA SER A 267 12.65 -1.77 0.66
C SER A 267 13.94 -2.51 0.94
N LEU A 268 13.84 -3.74 1.44
CA LEU A 268 15.05 -4.52 1.69
C LEU A 268 15.79 -4.79 0.39
N HIS A 269 15.05 -5.08 -0.68
CA HIS A 269 15.67 -5.26 -2.00
C HIS A 269 16.43 -4.00 -2.41
N VAL A 270 15.79 -2.83 -2.29
CA VAL A 270 16.44 -1.56 -2.60
C VAL A 270 17.70 -1.39 -1.77
N LEU A 271 17.65 -1.73 -0.48
CA LEU A 271 18.83 -1.54 0.35
C LEU A 271 19.94 -2.49 -0.09
N PHE A 272 19.61 -3.75 -0.39
CA PHE A 272 20.63 -4.70 -0.82
C PHE A 272 21.26 -4.28 -2.13
N THR A 273 20.45 -3.73 -3.05
CA THR A 273 20.97 -3.29 -4.33
C THR A 273 21.61 -1.91 -4.29
N HIS A 274 21.55 -1.22 -3.16
CA HIS A 274 22.34 0.00 -2.94
C HIS A 274 23.17 -0.21 -1.68
N PRO A 275 24.14 -1.11 -1.73
CA PRO A 275 24.87 -1.47 -0.51
C PRO A 275 25.60 -0.31 0.13
N GLU A 276 25.90 0.74 -0.65
CA GLU A 276 26.58 1.91 -0.09
C GLU A 276 25.67 2.67 0.87
N GLN A 277 24.38 2.79 0.51
CA GLN A 277 23.43 3.44 1.40
C GLN A 277 23.15 2.55 2.61
N LEU A 278 23.07 1.23 2.40
CA LEU A 278 22.92 0.32 3.52
C LEU A 278 24.07 0.47 4.52
N ARG A 279 25.30 0.57 4.01
CA ARG A 279 26.44 0.81 4.91
C ARG A 279 26.29 2.14 5.65
N LEU A 280 25.83 3.19 4.95
CA LEU A 280 25.67 4.48 5.59
C LEU A 280 24.61 4.44 6.69
N LEU A 281 23.48 3.79 6.40
CA LEU A 281 22.41 3.69 7.38
C LEU A 281 22.88 2.96 8.64
N LYS A 282 23.67 1.89 8.46
CA LYS A 282 24.13 1.12 9.61
C LYS A 282 25.06 1.91 10.51
N ASP A 283 25.76 2.90 9.96
CA ASP A 283 26.71 3.69 10.73
C ASP A 283 26.12 5.00 11.23
N ARG A 284 24.98 5.43 10.72
CA ARG A 284 24.28 6.62 11.22
C ARG A 284 22.81 6.27 11.39
N PRO A 285 22.47 5.52 12.44
CA PRO A 285 21.07 5.10 12.62
C PRO A 285 20.08 6.25 12.74
N GLU A 286 20.53 7.45 13.08
CA GLU A 286 19.61 8.58 13.13
C GLU A 286 19.05 8.95 11.76
N LEU A 287 19.57 8.35 10.68
CA LEU A 287 19.02 8.57 9.34
C LEU A 287 17.78 7.74 9.06
N MET A 288 17.44 6.79 9.94
CA MET A 288 16.34 5.86 9.65
C MET A 288 15.02 6.56 9.36
N PRO A 289 14.62 7.63 10.05
CA PRO A 289 13.35 8.29 9.68
C PRO A 289 13.35 8.77 8.24
N GLY A 290 14.39 9.51 7.84
CA GLY A 290 14.49 9.94 6.46
C GLY A 290 14.65 8.79 5.50
N THR A 291 15.30 7.71 5.93
CA THR A 291 15.43 6.52 5.11
C THR A 291 14.07 5.92 4.77
N VAL A 292 13.21 5.76 5.78
CA VAL A 292 11.87 5.21 5.55
C VAL A 292 11.11 6.06 4.53
N GLU A 293 11.18 7.38 4.70
CA GLU A 293 10.52 8.28 3.75
C GLU A 293 11.10 8.13 2.35
N GLU A 294 12.43 8.00 2.25
CA GLU A 294 13.03 7.83 0.93
C GLU A 294 12.64 6.49 0.32
N LEU A 295 12.49 5.44 1.13
CA LEU A 295 12.01 4.17 0.60
C LEU A 295 10.56 4.30 0.11
N MET A 296 9.74 5.06 0.83
CA MET A 296 8.35 5.28 0.42
C MET A 296 8.29 5.97 -0.93
N ARG A 297 9.18 6.93 -1.15
CA ARG A 297 9.24 7.63 -2.43
C ARG A 297 9.80 6.73 -3.53
N PHE A 298 10.96 6.11 -3.29
CA PHE A 298 11.74 5.51 -4.37
C PHE A 298 11.18 4.18 -4.83
N VAL A 299 10.80 3.32 -3.88
CA VAL A 299 10.21 2.02 -4.20
C VAL A 299 8.98 2.29 -5.07
N PRO A 300 8.92 1.78 -6.31
CA PRO A 300 7.69 1.98 -7.10
C PRO A 300 6.63 0.96 -6.69
N LEU A 301 6.14 1.12 -5.45
CA LEU A 301 5.37 0.04 -4.82
C LEU A 301 4.10 -0.26 -5.61
N ILE A 302 3.34 0.78 -5.90
CA ILE A 302 2.17 0.65 -6.75
C ILE A 302 2.61 0.21 -8.14
N SER A 303 2.05 -0.90 -8.63
CA SER A 303 2.55 -1.49 -9.87
C SER A 303 2.41 -0.52 -11.03
N HIS A 304 1.27 0.16 -11.10
CA HIS A 304 0.98 1.11 -12.17
C HIS A 304 0.31 2.36 -11.61
N VAL A 305 -0.95 2.24 -11.19
CA VAL A 305 -1.76 3.36 -10.72
C VAL A 305 -2.54 2.90 -9.49
N THR A 306 -2.93 3.86 -8.67
CA THR A 306 -3.92 3.61 -7.64
C THR A 306 -5.30 3.82 -8.28
N PHE A 307 -6.34 3.90 -7.46
CA PHE A 307 -7.71 3.89 -7.95
C PHE A 307 -8.05 5.18 -8.70
N ALA A 308 -8.85 5.01 -9.75
CA ALA A 308 -9.24 6.12 -10.61
C ALA A 308 -10.12 7.12 -9.87
N ARG A 309 -9.95 8.40 -10.22
CA ARG A 309 -10.92 9.41 -9.87
C ARG A 309 -11.63 9.87 -11.14
N TYR A 310 -12.78 10.51 -10.94
CA TYR A 310 -13.55 11.09 -12.04
C TYR A 310 -13.72 12.59 -11.82
N ALA A 311 -13.51 13.36 -12.89
CA ALA A 311 -13.72 14.80 -12.84
C ALA A 311 -15.21 15.12 -12.73
N THR A 312 -15.57 15.98 -11.78
CA THR A 312 -16.93 16.48 -11.69
C THR A 312 -17.12 17.77 -12.51
N GLU A 313 -16.02 18.39 -12.92
CA GLU A 313 -16.02 19.57 -13.79
C GLU A 313 -14.79 19.47 -14.67
N ASP A 314 -14.78 20.25 -15.75
CA ASP A 314 -13.62 20.33 -16.63
C ASP A 314 -12.40 20.85 -15.87
N VAL A 315 -11.24 20.25 -16.13
CA VAL A 315 -9.99 20.61 -15.48
C VAL A 315 -8.87 20.47 -16.50
N GLU A 316 -7.97 21.45 -16.54
CA GLU A 316 -6.77 21.31 -17.35
C GLU A 316 -5.62 20.81 -16.49
N LEU A 317 -4.87 19.84 -17.02
CA LEU A 317 -3.73 19.24 -16.34
C LEU A 317 -2.58 19.15 -17.35
N SER A 318 -1.54 19.95 -17.13
CA SER A 318 -0.34 19.91 -17.97
C SER A 318 -0.70 20.03 -19.44
N GLY A 319 -1.64 20.92 -19.76
CA GLY A 319 -2.01 21.18 -21.12
C GLY A 319 -3.10 20.30 -21.68
N THR A 320 -3.65 19.40 -20.89
CA THR A 320 -4.66 18.45 -21.34
C THR A 320 -5.97 18.77 -20.65
N LEU A 321 -7.01 19.00 -21.44
CA LEU A 321 -8.32 19.24 -20.84
C LEU A 321 -8.95 17.91 -20.47
N VAL A 322 -9.24 17.73 -19.18
CA VAL A 322 -9.97 16.59 -18.68
C VAL A 322 -11.40 17.07 -18.46
N ARG A 323 -12.35 16.57 -19.23
CA ARG A 323 -13.70 17.09 -19.11
C ARG A 323 -14.46 16.34 -18.02
N ALA A 324 -15.55 16.97 -17.56
CA ALA A 324 -16.39 16.38 -16.53
C ALA A 324 -16.91 15.02 -16.96
N GLY A 325 -16.89 14.07 -16.03
CA GLY A 325 -17.24 12.70 -16.30
C GLY A 325 -16.09 11.81 -16.72
N GLU A 326 -14.94 12.39 -17.04
CA GLU A 326 -13.81 11.59 -17.48
C GLU A 326 -12.92 11.23 -16.28
N SER A 327 -12.25 10.10 -16.40
CA SER A 327 -11.46 9.53 -15.32
C SER A 327 -9.99 9.87 -15.47
N VAL A 328 -9.28 9.87 -14.35
CA VAL A 328 -7.83 10.05 -14.29
C VAL A 328 -7.23 8.89 -13.48
N LEU A 329 -6.11 8.37 -13.96
CA LEU A 329 -5.39 7.30 -13.26
C LEU A 329 -4.19 7.89 -12.53
N PRO A 330 -4.11 7.80 -11.19
CA PRO A 330 -2.98 8.42 -10.49
C PRO A 330 -1.78 7.49 -10.42
N ALA A 331 -0.80 7.74 -11.29
CA ALA A 331 0.42 6.94 -11.31
C ALA A 331 1.37 7.48 -10.22
N ILE A 332 0.96 7.24 -8.96
CA ILE A 332 1.73 7.73 -7.80
C ILE A 332 3.23 7.48 -7.92
N PRO A 333 3.71 6.27 -8.28
CA PRO A 333 5.17 6.09 -8.39
C PRO A 333 5.84 7.01 -9.39
N SER A 334 5.13 7.45 -10.43
CA SER A 334 5.76 8.37 -11.38
C SER A 334 5.86 9.78 -10.80
N ALA A 335 4.82 10.21 -10.08
CA ALA A 335 4.91 11.47 -9.35
C ALA A 335 6.11 11.46 -8.41
N ASN A 336 6.41 10.30 -7.82
CA ASN A 336 7.53 10.19 -6.88
C ASN A 336 8.88 10.15 -7.59
N ARG A 337 8.91 10.09 -8.92
CA ARG A 337 10.14 10.21 -9.69
C ARG A 337 10.18 11.51 -10.47
N ASP A 338 9.34 12.48 -10.12
CA ASP A 338 9.26 13.77 -10.82
C ASP A 338 10.52 14.58 -10.54
N GLU A 339 11.38 14.71 -11.56
CA GLU A 339 12.62 15.46 -11.41
C GLU A 339 12.37 16.94 -11.12
N SER A 340 11.19 17.47 -11.47
CA SER A 340 10.89 18.86 -11.11
C SER A 340 10.55 19.03 -9.64
N VAL A 341 10.45 17.94 -8.86
CA VAL A 341 10.12 18.01 -7.44
C VAL A 341 11.25 17.44 -6.58
N PHE A 342 11.88 16.36 -7.02
CA PHE A 342 12.98 15.72 -6.30
C PHE A 342 14.23 15.80 -7.17
N GLU A 343 15.30 16.35 -6.62
CA GLU A 343 16.56 16.43 -7.35
C GLU A 343 17.19 15.04 -7.46
N ASN A 344 17.60 14.66 -8.67
CA ASN A 344 18.08 13.31 -8.94
C ASN A 344 17.02 12.29 -8.51
N ALA A 345 15.79 12.51 -8.97
CA ALA A 345 14.66 11.70 -8.52
C ALA A 345 14.86 10.23 -8.85
N ASP A 346 15.69 9.92 -9.85
CA ASP A 346 15.98 8.54 -10.22
C ASP A 346 16.99 7.88 -9.30
N ARG A 347 17.48 8.57 -8.29
CA ARG A 347 18.51 8.00 -7.42
C ARG A 347 17.94 7.78 -6.02
N PHE A 348 18.21 6.61 -5.47
CA PHE A 348 17.84 6.33 -4.09
C PHE A 348 18.87 6.98 -3.19
N ASP A 349 18.43 7.91 -2.35
CA ASP A 349 19.34 8.65 -1.48
C ASP A 349 18.67 8.80 -0.12
N LEU A 350 19.09 7.98 0.85
CA LEU A 350 18.39 8.02 2.13
C LEU A 350 18.72 9.26 2.95
N THR A 351 19.59 10.14 2.46
CA THR A 351 19.84 11.42 3.13
C THR A 351 18.95 12.53 2.60
N ARG A 352 18.07 12.22 1.65
CA ARG A 352 17.20 13.24 1.07
C ARG A 352 16.39 13.95 2.15
N GLU A 353 16.44 15.28 2.14
CA GLU A 353 15.73 16.09 3.14
C GLU A 353 14.40 16.60 2.62
N HIS A 354 14.38 17.12 1.40
CA HIS A 354 13.15 17.53 0.77
C HIS A 354 12.50 16.30 0.16
N ASN A 355 11.41 15.83 0.76
CA ASN A 355 10.77 14.59 0.32
C ASN A 355 9.26 14.68 0.46
N PRO A 356 8.59 15.49 -0.41
CA PRO A 356 7.14 15.53 -0.42
C PRO A 356 6.52 14.39 -1.22
N HIS A 357 6.93 13.17 -0.91
CA HIS A 357 6.49 12.03 -1.69
C HIS A 357 4.99 11.80 -1.49
N LEU A 358 4.39 11.08 -2.44
CA LEU A 358 2.99 10.74 -2.37
C LEU A 358 2.78 9.23 -2.12
N GLY A 359 3.78 8.56 -1.55
CA GLY A 359 3.67 7.14 -1.27
C GLY A 359 2.61 6.77 -0.25
N PHE A 360 2.22 7.73 0.60
CA PHE A 360 1.10 7.58 1.53
C PHE A 360 -0.12 8.37 1.06
N GLY A 361 -0.20 8.64 -0.24
CA GLY A 361 -1.30 9.42 -0.76
C GLY A 361 -1.18 10.89 -0.39
N TYR A 362 -2.30 11.59 -0.52
CA TYR A 362 -2.32 13.04 -0.35
C TYR A 362 -3.77 13.51 -0.31
N GLY A 363 -4.05 14.45 0.59
CA GLY A 363 -5.38 15.01 0.67
C GLY A 363 -6.39 14.14 1.40
N ILE A 364 -7.63 14.16 0.89
CA ILE A 364 -8.76 13.61 1.62
C ILE A 364 -8.56 12.13 1.95
N HIS A 365 -7.97 11.36 1.02
CA HIS A 365 -7.80 9.92 1.18
C HIS A 365 -6.40 9.51 1.59
N ARG A 366 -5.57 10.46 2.03
CA ARG A 366 -4.22 10.13 2.47
C ARG A 366 -4.28 9.02 3.52
N CYS A 367 -3.21 8.22 3.53
CA CYS A 367 -3.16 6.99 4.30
C CYS A 367 -3.38 7.22 5.78
N LEU A 368 -4.49 6.71 6.30
CA LEU A 368 -4.77 6.76 7.74
C LEU A 368 -3.76 5.94 8.54
N GLY A 369 -3.23 4.88 7.94
CA GLY A 369 -2.30 4.02 8.65
C GLY A 369 -0.85 4.45 8.60
N ALA A 370 -0.54 5.63 8.04
CA ALA A 370 0.85 6.01 7.85
C ALA A 370 1.68 6.06 9.13
N PRO A 371 1.21 6.62 10.25
CA PRO A 371 2.04 6.53 11.46
C PRO A 371 2.41 5.09 11.79
N LEU A 372 1.45 4.17 11.70
CA LEU A 372 1.75 2.77 12.02
C LEU A 372 2.71 2.17 10.99
N ALA A 373 2.48 2.42 9.70
CA ALA A 373 3.38 1.88 8.69
C ALA A 373 4.81 2.39 8.89
N ARG A 374 4.95 3.66 9.27
CA ARG A 374 6.30 4.22 9.49
C ARG A 374 6.96 3.56 10.69
N LEU A 375 6.20 3.39 11.79
CA LEU A 375 6.66 2.64 12.95
C LEU A 375 7.14 1.24 12.55
N GLU A 376 6.31 0.50 11.80
CA GLU A 376 6.68 -0.87 11.42
C GLU A 376 7.95 -0.88 10.58
N MET A 377 8.01 -0.01 9.56
CA MET A 377 9.20 0.10 8.73
C MET A 377 10.44 0.38 9.57
N GLN A 378 10.37 1.37 10.44
CA GLN A 378 11.54 1.74 11.24
C GLN A 378 11.96 0.60 12.15
N VAL A 379 11.01 0.01 12.87
CA VAL A 379 11.33 -1.09 13.79
C VAL A 379 11.93 -2.27 13.02
N ALA A 380 11.31 -2.65 11.90
CA ALA A 380 11.78 -3.79 11.13
C ALA A 380 13.21 -3.59 10.65
N LEU A 381 13.48 -2.43 10.02
CA LEU A 381 14.79 -2.21 9.44
C LEU A 381 15.85 -2.04 10.53
N ASP A 382 15.53 -1.30 11.58
CA ASP A 382 16.47 -1.15 12.69
C ASP A 382 16.83 -2.50 13.29
N SER A 383 15.82 -3.36 13.53
CA SER A 383 16.08 -4.65 14.17
C SER A 383 16.93 -5.54 13.28
N LEU A 384 16.57 -5.62 12.00
CA LEU A 384 17.35 -6.43 11.07
C LEU A 384 18.80 -5.95 11.02
N LEU A 385 18.99 -4.64 10.88
CA LEU A 385 20.35 -4.11 10.79
C LEU A 385 21.11 -4.27 12.10
N ARG A 386 20.42 -4.10 13.23
CA ARG A 386 21.04 -4.30 14.54
C ARG A 386 21.51 -5.73 14.72
N ARG A 387 20.59 -6.70 14.57
CA ARG A 387 20.86 -8.08 14.99
C ARG A 387 21.59 -8.88 13.93
N LEU A 388 21.46 -8.52 12.66
CA LEU A 388 22.07 -9.25 11.55
C LEU A 388 23.06 -8.34 10.84
N PRO A 389 24.16 -7.97 11.51
CA PRO A 389 25.06 -6.95 10.95
C PRO A 389 25.52 -7.19 9.52
N GLU A 390 25.80 -8.42 9.13
CA GLU A 390 26.32 -8.68 7.78
C GLU A 390 25.27 -9.32 6.88
N LEU A 391 24.04 -8.83 7.00
CA LEU A 391 22.94 -9.30 6.17
C LEU A 391 23.15 -8.92 4.70
N ARG A 392 22.86 -9.85 3.80
CA ARG A 392 23.05 -9.60 2.38
C ARG A 392 22.22 -10.61 1.60
N CYS A 393 21.86 -10.23 0.37
CA CYS A 393 21.08 -11.13 -0.47
C CYS A 393 21.92 -12.34 -0.86
N ALA A 394 21.31 -13.53 -0.83
CA ALA A 394 22.00 -14.79 -1.07
C ALA A 394 22.10 -15.18 -2.53
N VAL A 395 21.42 -14.45 -3.42
CA VAL A 395 21.43 -14.74 -4.85
C VAL A 395 21.61 -13.43 -5.60
N PRO A 396 22.03 -13.50 -6.86
CA PRO A 396 22.07 -12.28 -7.68
C PRO A 396 20.65 -11.80 -7.95
N ALA A 397 20.50 -10.48 -8.10
CA ALA A 397 19.17 -9.91 -8.32
C ALA A 397 18.45 -10.60 -9.46
N GLU A 398 19.19 -11.19 -10.40
CA GLU A 398 18.60 -11.80 -11.59
C GLU A 398 17.80 -13.06 -11.27
N SER A 399 18.11 -13.75 -10.18
CA SER A 399 17.42 -14.99 -9.87
C SER A 399 16.16 -14.78 -9.02
N LEU A 400 15.82 -13.55 -8.66
CA LEU A 400 14.70 -13.32 -7.75
C LEU A 400 13.37 -13.50 -8.47
N GLU A 401 12.39 -14.03 -7.75
CA GLU A 401 11.06 -14.30 -8.24
C GLU A 401 10.11 -13.27 -7.65
N TRP A 402 9.51 -12.45 -8.51
CA TRP A 402 8.56 -11.43 -8.10
C TRP A 402 7.13 -11.93 -8.27
N LYS A 403 6.22 -11.31 -7.53
CA LYS A 403 4.81 -11.66 -7.60
C LYS A 403 4.17 -10.78 -8.68
N ASP A 404 3.80 -11.39 -9.79
CA ASP A 404 3.27 -10.64 -10.92
C ASP A 404 1.74 -10.68 -10.91
N GLY A 405 1.15 -9.66 -11.53
CA GLY A 405 -0.30 -9.63 -11.71
C GLY A 405 -1.07 -9.07 -10.55
N MET A 406 -0.45 -8.18 -9.75
CA MET A 406 -1.08 -7.56 -8.58
C MET A 406 -0.93 -6.06 -8.71
N GLN A 407 -1.70 -5.32 -7.91
CA GLN A 407 -1.64 -3.86 -8.00
C GLN A 407 -0.43 -3.26 -7.29
N VAL A 408 0.29 -4.05 -6.49
CA VAL A 408 1.56 -3.64 -5.90
C VAL A 408 2.62 -4.67 -6.25
N ARG A 409 3.87 -4.25 -6.12
CA ARG A 409 5.03 -5.08 -6.44
C ARG A 409 5.53 -5.74 -5.16
N SER A 410 5.97 -7.00 -5.28
CA SER A 410 6.54 -7.68 -4.11
C SER A 410 7.33 -8.91 -4.54
N LEU A 411 8.34 -9.24 -3.75
CA LEU A 411 9.12 -10.45 -3.96
C LEU A 411 8.38 -11.64 -3.38
N LEU A 412 8.51 -12.81 -4.04
CA LEU A 412 7.96 -14.03 -3.44
C LEU A 412 8.89 -14.61 -2.40
N GLU A 413 10.19 -14.34 -2.56
CA GLU A 413 11.23 -14.83 -1.67
C GLU A 413 12.40 -13.86 -1.76
N LEU A 414 13.04 -13.61 -0.62
CA LEU A 414 14.26 -12.80 -0.58
C LEU A 414 15.24 -13.60 0.27
N PRO A 415 15.95 -14.54 -0.35
CA PRO A 415 16.92 -15.34 0.42
C PRO A 415 18.11 -14.49 0.82
N VAL A 416 18.55 -14.66 2.06
CA VAL A 416 19.61 -13.83 2.60
C VAL A 416 20.60 -14.67 3.40
N LEU A 417 21.83 -14.17 3.46
CA LEU A 417 22.88 -14.67 4.32
C LEU A 417 23.20 -13.66 5.41
N TRP A 418 23.88 -14.15 6.45
CA TRP A 418 24.32 -13.26 7.50
C TRP A 418 25.44 -13.87 8.33
CHA HEM B . -4.84 5.06 1.74
CHB HEM B . -0.25 3.58 0.97
CHC HEM B . -0.26 0.98 5.07
CHD HEM B . -4.90 2.23 5.69
C1A HEM B . -3.58 4.89 1.19
C2A HEM B . -3.11 5.52 -0.03
C3A HEM B . -1.85 5.10 -0.24
C4A HEM B . -1.47 4.21 0.83
CMA HEM B . -0.94 5.51 -1.43
CAA HEM B . -3.93 6.47 -0.93
CBA HEM B . -4.51 5.62 -2.07
CGA HEM B . -5.29 6.45 -3.06
O1A HEM B . -5.79 5.89 -4.06
O2A HEM B . -5.43 7.69 -2.84
C1B HEM B . 0.15 2.74 2.00
C2B HEM B . 1.45 2.11 2.13
C3B HEM B . 1.41 1.37 3.27
C4B HEM B . 0.12 1.55 3.88
CMB HEM B . 2.62 2.22 1.13
CAB HEM B . 2.51 0.51 3.91
CBB HEM B . 3.82 0.73 3.69
C1C HEM B . -1.50 1.12 5.65
C2C HEM B . -1.95 0.59 6.93
C3C HEM B . -3.24 0.95 7.08
C4C HEM B . -3.64 1.69 5.90
CMC HEM B . -1.04 -0.23 7.91
CAC HEM B . -4.22 0.69 8.23
CBC HEM B . -3.96 -0.12 9.27
C1D HEM B . -5.31 3.07 4.68
C2D HEM B . -6.65 3.59 4.49
C3D HEM B . -6.64 4.37 3.41
C4D HEM B . -5.29 4.38 2.86
CMD HEM B . -7.84 3.28 5.41
CAD HEM B . -7.84 5.15 2.83
CBD HEM B . -8.07 6.38 3.72
CGD HEM B . -9.20 7.24 3.19
O1D HEM B . -9.76 6.95 2.10
O2D HEM B . -9.53 8.25 3.84
NA HEM B . -2.56 4.10 1.69
NB HEM B . -0.63 2.38 3.08
NC HEM B . -2.56 1.76 5.05
ND HEM B . -4.52 3.56 3.66
FE HEM B . -2.49 3.18 3.57
CAA B9U C . -8.04 -0.33 -0.34
CAB B9U C . -8.71 0.58 0.47
CAC B9U C . -8.05 1.19 1.52
CAD B9U C . -6.71 0.88 1.72
CAE B9U C . -6.09 0.00 0.90
CAF B9U C . -6.75 -0.60 -0.12
CAH B9U C . -4.71 -1.33 -0.11
CAI B9U C . -5.88 -1.42 -0.72
CAJ B9U C . -6.16 -2.31 -1.96
CAK B9U C . -4.90 -2.40 -2.86
CAL B9U C . -5.08 -3.46 -3.97
CAN B9U C . -3.33 -0.55 -3.31
CAO B9U C . -3.13 0.85 -3.92
CAR B9U C . -2.85 1.90 -2.81
CAS B9U C . -3.97 1.89 -1.76
CAT B9U C . -1.49 1.66 -2.12
NAG B9U C . -4.84 -0.46 0.89
NAM B9U C . -4.57 -1.07 -3.43
OAP B9U C . -2.40 -1.15 -2.78
OAQ B9U C . -4.30 1.23 -4.64
OAU B9U C . -6.12 -3.10 -4.91
#